data_4L9G
#
_entry.id   4L9G
#
_cell.length_a   50.400
_cell.length_b   107.910
_cell.length_c   92.060
_cell.angle_alpha   90.000
_cell.angle_beta   90.000
_cell.angle_gamma   90.000
#
_symmetry.space_group_name_H-M   'P 21 21 2'
#
loop_
_entity.id
_entity.type
_entity.pdbx_description
1 polymer 'Transcriptional regulator, PpsR'
2 non-polymer 'SULFATE ION'
3 non-polymer '2-(N-MORPHOLINO)-ETHANESULFONIC ACID'
4 water water
#
_entity_poly.entity_id   1
_entity_poly.type   'polypeptide(L)'
_entity_poly.pdbx_seq_one_letter_code
;GAMGMGLAGGSLPSLAPDLVRDLIATAADISLLVSQEGVVREVMANPHHPSFGQLSEWEGRPLEEVLTAESVAKFRLRSE
GLEPGRGSVAVELNHIDPRSFEFPIRYILHRLPADRSILMLGRDLRPIAEVQQQLVAAQLAMERDYETQREMETRYRVVL
DVSRDPMVLVSMSTGRIVDLNSAAGLLLGGVRQDLLGAAIAQEFEGRRRGEFMETMTNLAATESAAPVEVLARRSQKRLL
VVPRVFRAAGERLLLCQIDPAD
;
_entity_poly.pdbx_strand_id   A,B
#
# COMPACT_ATOMS: atom_id res chain seq x y z
N PRO A 13 33.13 34.67 10.76
CA PRO A 13 32.29 35.64 11.47
C PRO A 13 32.17 35.30 12.97
N SER A 14 32.45 36.27 13.84
CA SER A 14 32.42 36.04 15.30
C SER A 14 31.04 36.27 15.93
N LEU A 15 30.67 35.41 16.89
CA LEU A 15 29.31 35.41 17.43
C LEU A 15 29.25 35.45 18.97
N ALA A 16 28.35 36.28 19.50
CA ALA A 16 28.16 36.42 20.94
C ALA A 16 27.49 35.17 21.50
N PRO A 17 27.82 34.77 22.75
CA PRO A 17 27.30 33.53 23.36
C PRO A 17 25.77 33.37 23.32
N ASP A 18 25.03 34.45 23.51
CA ASP A 18 23.57 34.36 23.49
C ASP A 18 23.01 33.99 22.11
N LEU A 19 23.48 34.66 21.07
CA LEU A 19 23.13 34.32 19.68
C LEU A 19 23.57 32.88 19.36
N VAL A 20 24.73 32.47 19.89
CA VAL A 20 25.23 31.12 19.64
C VAL A 20 24.25 30.07 20.15
N ARG A 21 23.71 30.30 21.34
CA ARG A 21 22.66 29.43 21.88
C ARG A 21 21.44 29.39 20.95
N ASP A 22 21.05 30.57 20.47
CA ASP A 22 19.91 30.67 19.58
C ASP A 22 20.15 29.97 18.24
N LEU A 23 21.35 30.12 17.69
CA LEU A 23 21.70 29.43 16.45
C LEU A 23 21.63 27.93 16.62
N ILE A 24 22.18 27.45 17.73
CA ILE A 24 22.20 26.03 17.99
C ILE A 24 20.81 25.46 18.30
N ALA A 25 20.02 26.19 19.09
CA ALA A 25 18.65 25.79 19.36
C ALA A 25 17.77 25.80 18.10
N THR A 26 18.07 26.63 17.11
CA THR A 26 17.24 26.66 15.91
C THR A 26 17.79 25.81 14.75
N ALA A 27 19.04 25.38 14.84
CA ALA A 27 19.62 24.49 13.83
C ALA A 27 19.13 23.05 14.06
N ALA A 28 18.92 22.69 15.31
CA ALA A 28 18.36 21.37 15.65
C ALA A 28 16.84 21.48 15.76
N ASP A 29 16.13 20.35 15.69
CA ASP A 29 14.68 20.35 15.95
C ASP A 29 14.45 20.38 17.46
N ILE A 30 15.36 19.75 18.20
CA ILE A 30 15.33 19.73 19.66
C ILE A 30 16.74 19.39 20.11
N SER A 31 17.19 19.94 21.23
CA SER A 31 18.50 19.59 21.70
C SER A 31 18.57 19.55 23.21
N LEU A 32 19.43 18.67 23.72
CA LEU A 32 19.60 18.49 25.16
C LEU A 32 21.03 18.71 25.54
N LEU A 33 21.24 19.33 26.71
CA LEU A 33 22.55 19.41 27.30
C LEU A 33 22.60 18.53 28.55
N VAL A 34 23.48 17.53 28.53
CA VAL A 34 23.59 16.54 29.59
C VAL A 34 24.97 16.62 30.22
N SER A 35 25.00 16.69 31.55
CA SER A 35 26.25 16.72 32.31
C SER A 35 27.02 15.40 32.15
N GLN A 36 28.32 15.46 32.37
CA GLN A 36 29.18 14.27 32.34
C GLN A 36 28.60 13.13 33.17
N GLU A 37 27.98 13.46 34.30
CA GLU A 37 27.39 12.48 35.22
C GLU A 37 26.01 11.99 34.77
N GLY A 38 25.48 12.55 33.69
CA GLY A 38 24.27 12.04 33.08
C GLY A 38 22.95 12.73 33.44
N VAL A 39 23.04 13.88 34.12
CA VAL A 39 21.84 14.64 34.46
C VAL A 39 21.46 15.63 33.34
N VAL A 40 20.19 15.65 32.92
CA VAL A 40 19.75 16.62 31.94
C VAL A 40 19.85 18.03 32.49
N ARG A 41 20.64 18.85 31.81
CA ARG A 41 20.90 20.19 32.30
C ARG A 41 20.04 21.25 31.60
N GLU A 42 19.77 21.05 30.32
CA GLU A 42 18.96 21.99 29.56
C GLU A 42 18.29 21.25 28.43
N VAL A 43 17.02 21.56 28.24
CA VAL A 43 16.30 21.11 27.05
C VAL A 43 16.08 22.36 26.23
N MET A 44 16.67 22.39 25.05
CA MET A 44 16.48 23.57 24.21
C MET A 44 15.48 23.25 23.13
N ALA A 45 14.34 23.92 23.19
CA ALA A 45 13.29 23.81 22.20
C ALA A 45 13.68 24.66 21.02
N ASN A 46 13.23 24.28 19.84
CA ASN A 46 13.33 25.13 18.65
C ASN A 46 11.92 25.71 18.46
N PRO A 47 11.76 27.02 18.72
CA PRO A 47 10.43 27.65 18.66
C PRO A 47 9.79 27.58 17.28
N HIS A 48 10.55 27.34 16.22
CA HIS A 48 9.94 27.21 14.89
C HIS A 48 9.54 25.75 14.57
N HIS A 49 9.88 24.82 15.44
CA HIS A 49 9.63 23.41 15.15
C HIS A 49 8.41 22.91 15.94
N PRO A 50 7.60 22.04 15.33
CA PRO A 50 6.37 21.58 15.97
C PRO A 50 6.57 21.01 17.38
N SER A 51 5.65 21.32 18.26
CA SER A 51 5.82 21.06 19.68
C SER A 51 6.06 19.59 20.05
N PHE A 52 6.94 19.39 21.04
CA PHE A 52 7.08 18.10 21.71
C PHE A 52 6.37 18.04 23.08
N GLY A 53 5.66 19.11 23.46
CA GLY A 53 5.03 19.20 24.77
C GLY A 53 5.93 19.98 25.74
N GLN A 54 5.53 20.07 27.01
CA GLN A 54 6.40 20.65 28.01
C GLN A 54 7.42 19.64 28.46
N LEU A 55 8.65 19.78 28.00
CA LEU A 55 9.70 18.84 28.37
C LEU A 55 10.68 19.45 29.35
N SER A 56 10.32 20.59 29.94
CA SER A 56 11.20 21.32 30.82
C SER A 56 11.38 20.61 32.16
N GLU A 57 10.37 19.83 32.53
CA GLU A 57 10.48 19.00 33.72
C GLU A 57 11.64 17.97 33.65
N TRP A 58 12.14 17.70 32.45
CA TRP A 58 13.32 16.83 32.35
C TRP A 58 14.57 17.44 33.00
N GLU A 59 14.58 18.77 33.09
CA GLU A 59 15.78 19.49 33.55
C GLU A 59 16.12 19.15 34.98
N GLY A 60 17.40 18.86 35.23
CA GLY A 60 17.85 18.53 36.57
C GLY A 60 17.52 17.10 36.97
N ARG A 61 17.04 16.30 36.03
CA ARG A 61 16.80 14.87 36.28
C ARG A 61 17.63 14.01 35.30
N PRO A 62 17.89 12.75 35.67
CA PRO A 62 18.75 11.91 34.80
C PRO A 62 18.16 11.63 33.39
N LEU A 63 19.02 11.61 32.38
CA LEU A 63 18.62 11.30 31.01
C LEU A 63 18.02 9.89 30.93
N GLU A 64 18.50 8.97 31.76
CA GLU A 64 18.01 7.59 31.75
C GLU A 64 16.51 7.52 32.02
N GLU A 65 16.01 8.43 32.87
CA GLU A 65 14.59 8.53 33.14
C GLU A 65 13.72 8.77 31.91
N VAL A 66 14.27 9.34 30.84
CA VAL A 66 13.41 9.72 29.72
C VAL A 66 13.67 8.93 28.44
N LEU A 67 14.41 7.82 28.55
CA LEU A 67 14.67 6.96 27.40
C LEU A 67 14.13 5.56 27.67
N THR A 68 13.73 4.83 26.64
CA THR A 68 13.39 3.43 26.81
C THR A 68 14.63 2.67 27.23
N ALA A 69 14.45 1.42 27.68
CA ALA A 69 15.56 0.62 28.21
C ALA A 69 16.63 0.42 27.15
N GLU A 70 16.20 0.11 25.93
CA GLU A 70 17.13 -0.11 24.85
C GLU A 70 17.92 1.16 24.51
N SER A 71 17.29 2.32 24.65
CA SER A 71 17.93 3.56 24.25
C SER A 71 18.95 4.00 25.30
N VAL A 72 18.67 3.65 26.54
CA VAL A 72 19.61 3.89 27.61
C VAL A 72 20.93 3.17 27.31
N ALA A 73 20.84 1.88 27.00
CA ALA A 73 22.01 1.07 26.67
C ALA A 73 22.75 1.66 25.46
N LYS A 74 21.98 1.93 24.41
CA LYS A 74 22.49 2.52 23.18
C LYS A 74 23.20 3.87 23.37
N PHE A 75 22.63 4.77 24.19
CA PHE A 75 23.26 6.05 24.47
C PHE A 75 24.58 5.84 25.21
N ARG A 76 24.57 4.92 26.17
CA ARG A 76 25.79 4.49 26.86
C ARG A 76 26.92 4.10 25.89
N LEU A 77 26.62 3.23 24.93
CA LEU A 77 27.65 2.72 24.02
C LEU A 77 28.23 3.80 23.10
N ARG A 78 27.33 4.63 22.57
CA ARG A 78 27.69 5.69 21.61
C ARG A 78 28.46 6.86 22.20
N SER A 79 28.09 7.26 23.43
CA SER A 79 28.62 8.47 24.07
C SER A 79 29.89 8.25 24.92
N GLU A 80 30.00 7.08 25.51
CA GLU A 80 31.02 6.81 26.51
C GLU A 80 32.45 6.99 25.98
N GLY A 81 32.68 6.62 24.72
CA GLY A 81 34.01 6.77 24.15
C GLY A 81 34.27 8.15 23.56
N LEU A 82 33.20 8.93 23.43
CA LEU A 82 33.28 10.26 22.83
C LEU A 82 34.14 11.28 23.60
N GLU A 83 35.12 11.84 22.88
CA GLU A 83 36.07 12.80 23.44
C GLU A 83 35.84 14.20 22.83
N PRO A 84 36.20 15.25 23.59
CA PRO A 84 36.06 16.63 23.11
C PRO A 84 37.06 16.90 22.00
N GLY A 85 36.60 17.55 20.93
CA GLY A 85 37.47 17.85 19.81
C GLY A 85 37.77 16.65 18.94
N ARG A 86 37.13 15.52 19.25
CA ARG A 86 37.39 14.31 18.49
C ARG A 86 36.14 13.86 17.73
N GLY A 87 35.41 14.82 17.19
CA GLY A 87 34.29 14.52 16.30
C GLY A 87 32.94 14.36 16.98
N SER A 88 32.00 13.75 16.28
CA SER A 88 30.68 13.57 16.84
C SER A 88 30.14 12.20 16.44
N VAL A 89 29.08 11.75 17.13
CA VAL A 89 28.43 10.48 16.77
C VAL A 89 26.92 10.63 16.60
N ALA A 90 26.38 9.90 15.63
CA ALA A 90 24.95 9.88 15.40
C ALA A 90 24.32 8.73 16.17
N VAL A 91 23.18 8.98 16.81
CA VAL A 91 22.45 7.90 17.47
C VAL A 91 20.93 8.15 17.46
N GLU A 92 20.16 7.11 17.14
CA GLU A 92 18.71 7.22 17.15
C GLU A 92 18.17 6.68 18.47
N LEU A 93 17.38 7.48 19.16
CA LEU A 93 16.94 7.17 20.51
C LEU A 93 15.42 7.29 20.62
N ASN A 94 14.83 6.47 21.48
CA ASN A 94 13.41 6.53 21.78
C ASN A 94 13.20 7.16 23.13
N HIS A 95 12.54 8.32 23.14
CA HIS A 95 12.15 8.99 24.37
C HIS A 95 10.82 8.51 24.90
N ILE A 96 10.64 8.64 26.20
CA ILE A 96 9.33 8.50 26.80
C ILE A 96 8.95 9.83 27.45
N ASP A 97 7.91 10.44 26.92
CA ASP A 97 7.45 11.71 27.44
C ASP A 97 6.74 11.54 28.82
N PRO A 98 6.55 12.66 29.55
CA PRO A 98 5.88 12.64 30.88
C PRO A 98 4.52 11.95 30.88
N ARG A 99 3.91 11.76 29.72
CA ARG A 99 2.62 11.08 29.61
C ARG A 99 2.78 9.62 29.17
N SER A 100 4.03 9.12 29.18
CA SER A 100 4.35 7.73 28.82
C SER A 100 4.17 7.36 27.33
N PHE A 101 4.15 8.35 26.46
CA PHE A 101 4.16 8.09 25.02
C PHE A 101 5.59 8.19 24.46
N GLU A 102 5.95 7.26 23.58
CA GLU A 102 7.33 7.24 23.06
C GLU A 102 7.48 8.08 21.79
N PHE A 103 8.65 8.67 21.59
CA PHE A 103 8.93 9.34 20.33
C PHE A 103 10.39 9.24 19.91
N PRO A 104 10.61 9.04 18.62
CA PRO A 104 11.97 8.81 18.15
C PRO A 104 12.69 10.11 17.76
N ILE A 105 13.95 10.22 18.16
CA ILE A 105 14.83 11.32 17.74
C ILE A 105 16.19 10.79 17.22
N ARG A 106 16.65 11.29 16.07
CA ARG A 106 18.05 11.05 15.65
C ARG A 106 18.94 12.14 16.18
N TYR A 107 19.85 11.77 17.07
CA TYR A 107 20.75 12.75 17.67
C TYR A 107 22.18 12.68 17.12
N ILE A 108 22.82 13.84 17.04
CA ILE A 108 24.27 13.95 16.90
C ILE A 108 24.86 14.39 18.25
N LEU A 109 25.75 13.59 18.82
CA LEU A 109 26.37 13.87 20.12
C LEU A 109 27.74 14.54 19.98
N HIS A 110 27.95 15.63 20.70
CA HIS A 110 29.30 16.19 20.83
C HIS A 110 29.65 16.20 22.31
N ARG A 111 30.91 15.93 22.66
CA ARG A 111 31.34 16.18 24.04
C ARG A 111 32.08 17.51 24.17
N LEU A 112 31.64 18.34 25.11
CA LEU A 112 32.16 19.68 25.26
C LEU A 112 33.40 19.69 26.14
N PRO A 113 34.42 20.43 25.73
CA PRO A 113 35.71 20.42 26.42
C PRO A 113 35.68 21.07 27.79
N ALA A 114 34.87 22.10 28.00
CA ALA A 114 34.94 22.82 29.27
C ALA A 114 34.63 21.93 30.47
N ASP A 115 33.63 21.06 30.33
CA ASP A 115 33.14 20.27 31.45
C ASP A 115 32.85 18.80 31.10
N ARG A 116 33.08 18.43 29.84
CA ARG A 116 32.81 17.09 29.34
C ARG A 116 31.31 16.74 29.34
N SER A 117 30.46 17.76 29.29
CA SER A 117 29.05 17.49 29.10
C SER A 117 28.82 17.07 27.66
N ILE A 118 27.65 16.50 27.41
CA ILE A 118 27.28 16.03 26.09
C ILE A 118 26.18 16.93 25.58
N LEU A 119 26.39 17.50 24.40
CA LEU A 119 25.35 18.28 23.76
C LEU A 119 24.75 17.36 22.72
N MET A 120 23.44 17.17 22.77
CA MET A 120 22.76 16.25 21.87
C MET A 120 21.90 17.07 20.94
N LEU A 121 22.18 17.02 19.64
CA LEU A 121 21.41 17.82 18.68
C LEU A 121 20.47 16.89 17.95
N GLY A 122 19.16 17.14 18.09
CA GLY A 122 18.17 16.21 17.58
C GLY A 122 17.44 16.59 16.30
N ARG A 123 17.22 15.61 15.42
CA ARG A 123 16.25 15.71 14.33
C ARG A 123 15.02 14.86 14.70
N ASP A 124 13.85 15.48 14.57
CA ASP A 124 12.60 14.87 14.92
C ASP A 124 12.31 13.72 13.95
N LEU A 125 12.09 12.51 14.47
CA LEU A 125 11.74 11.38 13.60
C LEU A 125 10.25 11.03 13.61
N ARG A 126 9.46 11.76 14.39
CA ARG A 126 8.00 11.50 14.43
C ARG A 126 7.30 11.43 13.06
N PRO A 127 7.53 12.40 12.16
CA PRO A 127 6.78 12.30 10.90
C PRO A 127 7.20 11.07 10.09
N ILE A 128 8.45 10.66 10.18
CA ILE A 128 8.89 9.47 9.45
C ILE A 128 8.31 8.17 10.06
N ALA A 129 8.38 8.05 11.38
CA ALA A 129 7.77 6.91 12.06
C ALA A 129 6.28 6.80 11.76
N GLU A 130 5.59 7.95 11.70
CA GLU A 130 4.15 8.01 11.42
C GLU A 130 3.85 7.44 10.04
N VAL A 131 4.58 7.89 9.04
CA VAL A 131 4.43 7.36 7.69
C VAL A 131 4.79 5.87 7.61
N GLN A 132 5.88 5.48 8.26
CA GLN A 132 6.29 4.10 8.30
C GLN A 132 5.23 3.19 8.92
N GLN A 133 4.54 3.67 9.96
CA GLN A 133 3.43 2.93 10.56
C GLN A 133 2.26 2.75 9.59
N GLN A 134 2.06 3.74 8.73
CA GLN A 134 1.04 3.67 7.71
C GLN A 134 1.43 2.70 6.62
N LEU A 135 2.73 2.59 6.34
CA LEU A 135 3.18 1.67 5.31
C LEU A 135 2.96 0.23 5.77
N VAL A 136 3.30 -0.05 7.03
CA VAL A 136 3.09 -1.38 7.56
C VAL A 136 1.60 -1.73 7.58
N ALA A 137 0.76 -0.76 7.94
CA ALA A 137 -0.68 -0.97 7.90
C ALA A 137 -1.17 -1.30 6.50
N ALA A 138 -0.66 -0.57 5.49
CA ALA A 138 -1.02 -0.86 4.10
C ALA A 138 -0.61 -2.25 3.63
N GLN A 139 0.57 -2.74 4.03
CA GLN A 139 0.98 -4.09 3.66
C GLN A 139 -0.05 -5.09 4.18
N LEU A 140 -0.40 -4.96 5.45
CA LEU A 140 -1.42 -5.82 6.07
C LEU A 140 -2.74 -5.85 5.27
N ALA A 141 -3.17 -4.70 4.78
CA ALA A 141 -4.42 -4.60 4.02
C ALA A 141 -4.26 -5.33 2.70
N MET A 142 -3.13 -5.11 2.06
CA MET A 142 -2.83 -5.78 0.80
C MET A 142 -2.82 -7.32 0.95
N GLU A 143 -2.15 -7.81 2.00
CA GLU A 143 -2.10 -9.24 2.26
C GLU A 143 -3.49 -9.87 2.43
N ARG A 144 -4.36 -9.24 3.22
CA ARG A 144 -5.72 -9.73 3.43
C ARG A 144 -6.48 -9.73 2.11
N ASP A 145 -6.31 -8.67 1.33
CA ASP A 145 -6.96 -8.58 0.03
C ASP A 145 -6.39 -9.59 -0.98
N TYR A 146 -5.09 -9.88 -0.88
CA TYR A 146 -4.50 -10.89 -1.77
C TYR A 146 -5.03 -12.30 -1.49
N GLU A 147 -5.03 -12.70 -0.21
CA GLU A 147 -5.57 -14.00 0.16
C GLU A 147 -7.02 -14.17 -0.30
N THR A 148 -7.80 -13.09 -0.22
CA THR A 148 -9.20 -13.15 -0.62
C THR A 148 -9.31 -13.36 -2.13
N GLN A 149 -8.42 -12.71 -2.86
CA GLN A 149 -8.36 -12.89 -4.31
C GLN A 149 -8.00 -14.32 -4.72
N ARG A 150 -7.01 -14.91 -4.04
CA ARG A 150 -6.66 -16.31 -4.27
C ARG A 150 -7.85 -17.25 -4.07
N GLU A 151 -8.61 -17.03 -2.99
CA GLU A 151 -9.80 -17.86 -2.76
C GLU A 151 -10.81 -17.70 -3.89
N MET A 152 -11.06 -16.45 -4.32
CA MET A 152 -12.08 -16.20 -5.31
C MET A 152 -11.62 -16.73 -6.66
N GLU A 153 -10.36 -16.48 -6.97
CA GLU A 153 -9.79 -16.92 -8.24
C GLU A 153 -9.81 -18.45 -8.35
N THR A 154 -9.47 -19.13 -7.27
CA THR A 154 -9.52 -20.58 -7.25
C THR A 154 -10.92 -21.07 -7.52
N ARG A 155 -11.89 -20.54 -6.78
CA ARG A 155 -13.30 -20.90 -6.98
C ARG A 155 -13.80 -20.61 -8.39
N TYR A 156 -13.45 -19.44 -8.91
CA TYR A 156 -13.85 -19.03 -10.24
C TYR A 156 -13.31 -20.00 -11.29
N ARG A 157 -12.01 -20.31 -11.20
CA ARG A 157 -11.37 -21.21 -12.15
C ARG A 157 -12.05 -22.58 -12.14
N VAL A 158 -12.35 -23.12 -10.96
CA VAL A 158 -12.93 -24.45 -10.90
C VAL A 158 -14.36 -24.44 -11.41
N VAL A 159 -15.12 -23.44 -10.99
CA VAL A 159 -16.50 -23.36 -11.45
C VAL A 159 -16.57 -23.20 -12.97
N LEU A 160 -15.78 -22.29 -13.54
CA LEU A 160 -15.82 -22.04 -14.98
C LEU A 160 -15.48 -23.32 -15.75
N ASP A 161 -14.42 -23.96 -15.30
CA ASP A 161 -13.91 -25.11 -16.01
C ASP A 161 -14.86 -26.32 -15.89
N VAL A 162 -15.47 -26.50 -14.73
CA VAL A 162 -16.34 -27.66 -14.49
C VAL A 162 -17.70 -27.48 -15.17
N SER A 163 -18.17 -26.23 -15.26
CA SER A 163 -19.48 -25.95 -15.85
C SER A 163 -19.64 -26.45 -17.30
N ARG A 164 -20.74 -27.15 -17.58
CA ARG A 164 -21.01 -27.64 -18.93
C ARG A 164 -21.70 -26.59 -19.82
N ASP A 165 -22.10 -25.48 -19.21
CA ASP A 165 -22.67 -24.35 -19.95
C ASP A 165 -21.53 -23.62 -20.70
N PRO A 166 -21.56 -23.61 -22.04
CA PRO A 166 -20.41 -23.02 -22.76
C PRO A 166 -20.34 -21.48 -22.57
N MET A 167 -19.23 -21.02 -22.00
CA MET A 167 -19.09 -19.60 -21.70
C MET A 167 -17.75 -19.01 -22.17
N VAL A 168 -17.84 -17.82 -22.74
CA VAL A 168 -16.66 -17.05 -23.12
C VAL A 168 -16.75 -15.71 -22.41
N LEU A 169 -15.72 -15.38 -21.64
CA LEU A 169 -15.64 -14.06 -21.03
C LEU A 169 -14.80 -13.12 -21.93
N VAL A 170 -15.37 -11.97 -22.26
CA VAL A 170 -14.78 -11.04 -23.18
C VAL A 170 -14.53 -9.70 -22.52
N SER A 171 -13.36 -9.12 -22.76
CA SER A 171 -13.08 -7.78 -22.25
C SER A 171 -13.88 -6.76 -23.06
N MET A 172 -14.61 -5.91 -22.36
CA MET A 172 -15.38 -4.89 -23.04
C MET A 172 -14.44 -3.87 -23.65
N SER A 173 -13.35 -3.57 -22.94
CA SER A 173 -12.38 -2.60 -23.42
C SER A 173 -11.71 -2.95 -24.78
N THR A 174 -11.37 -4.21 -24.98
CA THR A 174 -10.61 -4.58 -26.17
C THR A 174 -11.42 -5.44 -27.13
N GLY A 175 -12.55 -5.97 -26.68
CA GLY A 175 -13.24 -6.99 -27.47
C GLY A 175 -12.46 -8.30 -27.58
N ARG A 176 -11.51 -8.55 -26.69
CA ARG A 176 -10.74 -9.81 -26.72
C ARG A 176 -11.16 -10.80 -25.64
N ILE A 177 -11.01 -12.08 -25.93
CA ILE A 177 -11.36 -13.12 -24.96
C ILE A 177 -10.37 -13.12 -23.78
N VAL A 178 -10.88 -12.99 -22.56
CA VAL A 178 -10.01 -13.09 -21.40
C VAL A 178 -10.15 -14.46 -20.71
N ASP A 179 -11.26 -15.16 -20.93
CA ASP A 179 -11.41 -16.53 -20.41
C ASP A 179 -12.52 -17.29 -21.12
N LEU A 180 -12.51 -18.60 -20.97
CA LEU A 180 -13.58 -19.44 -21.50
C LEU A 180 -13.42 -20.82 -20.90
N ASN A 181 -14.42 -21.69 -21.09
CA ASN A 181 -14.27 -23.08 -20.70
C ASN A 181 -14.16 -23.97 -21.93
N SER A 182 -13.98 -25.25 -21.72
CA SER A 182 -13.74 -26.13 -22.86
C SER A 182 -14.99 -26.48 -23.65
N ALA A 183 -16.18 -26.39 -23.02
CA ALA A 183 -17.42 -26.54 -23.76
C ALA A 183 -17.55 -25.43 -24.82
N ALA A 184 -17.20 -24.21 -24.46
CA ALA A 184 -17.13 -23.14 -25.41
C ALA A 184 -16.02 -23.37 -26.47
N GLY A 185 -14.85 -23.84 -26.04
CA GLY A 185 -13.77 -24.17 -26.96
C GLY A 185 -14.19 -25.14 -28.06
N LEU A 186 -14.95 -26.17 -27.67
CA LEU A 186 -15.46 -27.19 -28.58
C LEU A 186 -16.41 -26.61 -29.65
N LEU A 187 -17.36 -25.80 -29.23
CA LEU A 187 -18.28 -25.16 -30.18
C LEU A 187 -17.56 -24.20 -31.11
N LEU A 188 -16.57 -23.47 -30.60
CA LEU A 188 -15.84 -22.53 -31.45
C LEU A 188 -14.83 -23.24 -32.31
N GLY A 189 -14.46 -24.47 -31.95
CA GLY A 189 -13.49 -25.22 -32.74
C GLY A 189 -12.04 -24.84 -32.44
N GLY A 190 -11.76 -24.34 -31.25
CA GLY A 190 -10.39 -24.01 -30.92
C GLY A 190 -9.93 -24.48 -29.55
N VAL A 191 -8.63 -24.60 -29.36
CA VAL A 191 -8.08 -24.83 -28.03
C VAL A 191 -7.94 -23.49 -27.26
N ARG A 192 -7.99 -23.59 -25.94
CA ARG A 192 -7.74 -22.47 -25.04
C ARG A 192 -6.60 -21.56 -25.49
N GLN A 193 -5.48 -22.19 -25.78
CA GLN A 193 -4.24 -21.49 -26.14
C GLN A 193 -4.40 -20.57 -27.36
N ASP A 194 -5.35 -20.87 -28.23
CA ASP A 194 -5.54 -20.10 -29.46
C ASP A 194 -6.62 -19.03 -29.27
N LEU A 195 -7.50 -19.23 -28.29
CA LEU A 195 -8.70 -18.39 -28.11
C LEU A 195 -8.48 -17.27 -27.12
N LEU A 196 -7.75 -17.57 -26.03
CA LEU A 196 -7.30 -16.58 -25.08
C LEU A 196 -6.60 -15.44 -25.80
N GLY A 197 -7.06 -14.21 -25.57
CA GLY A 197 -6.41 -13.03 -26.13
C GLY A 197 -6.90 -12.71 -27.52
N ALA A 198 -7.72 -13.59 -28.12
CA ALA A 198 -8.15 -13.40 -29.50
C ALA A 198 -9.35 -12.48 -29.57
N ALA A 199 -9.48 -11.72 -30.65
CA ALA A 199 -10.65 -10.86 -30.82
C ALA A 199 -11.90 -11.72 -31.06
N ILE A 200 -12.97 -11.49 -30.30
CA ILE A 200 -14.14 -12.39 -30.33
C ILE A 200 -14.82 -12.32 -31.67
N ALA A 201 -14.92 -11.11 -32.22
CA ALA A 201 -15.62 -10.87 -33.47
C ALA A 201 -15.01 -11.66 -34.59
N GLN A 202 -13.69 -11.83 -34.55
CA GLN A 202 -12.97 -12.47 -35.65
C GLN A 202 -13.12 -14.00 -35.57
N GLU A 203 -13.72 -14.49 -34.50
CA GLU A 203 -14.06 -15.90 -34.43
C GLU A 203 -15.23 -16.25 -35.33
N PHE A 204 -16.00 -15.24 -35.74
CA PHE A 204 -17.27 -15.44 -36.43
C PHE A 204 -17.22 -14.79 -37.81
N GLU A 205 -17.65 -15.55 -38.82
CA GLU A 205 -17.58 -15.07 -40.19
C GLU A 205 -18.45 -13.83 -40.47
N GLY A 206 -17.87 -12.91 -41.25
CA GLY A 206 -18.50 -11.68 -41.65
C GLY A 206 -18.74 -10.68 -40.54
N ARG A 207 -18.23 -10.95 -39.34
CA ARG A 207 -18.37 -10.02 -38.21
C ARG A 207 -17.11 -9.16 -38.02
N ARG A 208 -17.29 -8.00 -37.40
CA ARG A 208 -16.20 -7.05 -37.12
C ARG A 208 -16.32 -6.54 -35.69
N ARG A 209 -15.19 -6.25 -35.04
CA ARG A 209 -15.19 -5.82 -33.63
C ARG A 209 -16.20 -4.74 -33.24
N GLY A 210 -16.16 -3.62 -33.97
CA GLY A 210 -17.00 -2.46 -33.66
C GLY A 210 -18.50 -2.78 -33.65
N GLU A 211 -18.98 -3.36 -34.75
CA GLU A 211 -20.39 -3.63 -34.91
C GLU A 211 -20.79 -4.79 -33.97
N PHE A 212 -19.92 -5.79 -33.86
CA PHE A 212 -20.22 -6.92 -33.04
C PHE A 212 -20.30 -6.55 -31.56
N MET A 213 -19.27 -5.87 -31.04
CA MET A 213 -19.31 -5.45 -29.63
C MET A 213 -20.53 -4.55 -29.35
N GLU A 214 -20.89 -3.69 -30.31
CA GLU A 214 -22.07 -2.85 -30.14
C GLU A 214 -23.39 -3.66 -30.08
N THR A 215 -23.54 -4.57 -31.02
CA THR A 215 -24.66 -5.48 -31.03
C THR A 215 -24.79 -6.22 -29.69
N MET A 216 -23.68 -6.77 -29.19
CA MET A 216 -23.73 -7.51 -27.93
C MET A 216 -24.13 -6.63 -26.75
N THR A 217 -23.64 -5.41 -26.72
CA THR A 217 -23.90 -4.50 -25.61
C THR A 217 -25.35 -4.06 -25.62
N ASN A 218 -25.83 -3.71 -26.81
CA ASN A 218 -27.23 -3.33 -26.98
C ASN A 218 -28.20 -4.50 -26.66
N LEU A 219 -27.88 -5.71 -27.13
CA LEU A 219 -28.75 -6.84 -26.90
C LEU A 219 -28.81 -7.16 -25.40
N ALA A 220 -27.64 -7.16 -24.77
CA ALA A 220 -27.55 -7.42 -23.33
C ALA A 220 -28.46 -6.44 -22.60
N ALA A 221 -28.35 -5.17 -22.95
CA ALA A 221 -29.16 -4.14 -22.29
C ALA A 221 -30.66 -4.35 -22.50
N THR A 222 -31.03 -5.12 -23.52
CA THR A 222 -32.46 -5.30 -23.85
C THR A 222 -33.12 -6.41 -23.00
N GLU A 223 -32.31 -7.32 -22.48
CA GLU A 223 -32.77 -8.40 -21.60
C GLU A 223 -33.74 -9.23 -22.39
N SER A 224 -33.20 -9.94 -23.37
CA SER A 224 -34.00 -10.61 -24.38
C SER A 224 -33.54 -12.05 -24.44
N ALA A 225 -34.44 -12.93 -24.86
CA ALA A 225 -34.10 -14.33 -25.09
C ALA A 225 -33.53 -14.55 -26.52
N ALA A 226 -33.59 -13.53 -27.37
CA ALA A 226 -33.14 -13.69 -28.76
C ALA A 226 -31.62 -13.64 -28.84
N PRO A 227 -31.00 -14.71 -29.39
CA PRO A 227 -29.54 -14.76 -29.50
C PRO A 227 -29.08 -14.16 -30.83
N VAL A 228 -27.77 -14.01 -30.95
CA VAL A 228 -27.16 -13.66 -32.22
C VAL A 228 -26.74 -14.98 -32.86
N GLU A 229 -27.16 -15.18 -34.11
CA GLU A 229 -26.74 -16.35 -34.82
C GLU A 229 -25.41 -16.04 -35.47
N VAL A 230 -24.45 -16.93 -35.29
CA VAL A 230 -23.12 -16.73 -35.85
C VAL A 230 -22.61 -18.02 -36.47
N LEU A 231 -21.64 -17.87 -37.37
CA LEU A 231 -20.95 -19.02 -37.92
C LEU A 231 -19.51 -18.99 -37.43
N ALA A 232 -19.14 -19.99 -36.62
CA ALA A 232 -17.78 -20.07 -36.08
C ALA A 232 -16.78 -20.45 -37.17
N ARG A 233 -15.74 -19.64 -37.33
CA ARG A 233 -14.72 -19.86 -38.38
C ARG A 233 -14.01 -21.19 -38.24
N ARG A 234 -13.52 -21.50 -37.05
CA ARG A 234 -12.67 -22.70 -36.94
C ARG A 234 -13.49 -23.99 -37.07
N SER A 235 -14.66 -24.04 -36.44
CA SER A 235 -15.43 -25.29 -36.45
C SER A 235 -16.48 -25.34 -37.54
N GLN A 236 -16.78 -24.19 -38.14
CA GLN A 236 -17.86 -24.07 -39.14
C GLN A 236 -19.20 -24.45 -38.58
N LYS A 237 -19.34 -24.37 -37.25
CA LYS A 237 -20.63 -24.60 -36.62
C LYS A 237 -21.52 -23.35 -36.53
N ARG A 238 -22.81 -23.54 -36.78
CA ARG A 238 -23.79 -22.49 -36.51
C ARG A 238 -24.07 -22.46 -35.02
N LEU A 239 -23.92 -21.27 -34.40
CA LEU A 239 -24.03 -21.11 -32.96
C LEU A 239 -25.00 -19.99 -32.62
N LEU A 240 -25.48 -20.01 -31.38
CA LEU A 240 -26.39 -18.99 -30.85
C LEU A 240 -25.69 -18.37 -29.66
N VAL A 241 -25.57 -17.05 -29.66
CA VAL A 241 -24.86 -16.35 -28.61
C VAL A 241 -25.78 -15.39 -27.89
N VAL A 242 -25.83 -15.53 -26.57
CA VAL A 242 -26.61 -14.67 -25.69
C VAL A 242 -25.63 -13.92 -24.78
N PRO A 243 -25.55 -12.59 -24.94
CA PRO A 243 -24.60 -11.82 -24.15
C PRO A 243 -25.23 -11.30 -22.86
N ARG A 244 -24.40 -11.11 -21.84
CA ARG A 244 -24.75 -10.40 -20.62
C ARG A 244 -23.56 -9.51 -20.33
N VAL A 245 -23.80 -8.35 -19.73
CA VAL A 245 -22.71 -7.44 -19.41
C VAL A 245 -22.69 -7.17 -17.93
N PHE A 246 -21.51 -7.22 -17.33
CA PHE A 246 -21.36 -6.96 -15.89
C PHE A 246 -20.25 -5.95 -15.65
N ARG A 247 -20.45 -5.09 -14.66
CA ARG A 247 -19.52 -4.02 -14.35
C ARG A 247 -18.87 -4.31 -13.01
N ALA A 248 -17.54 -4.29 -12.97
CA ALA A 248 -16.82 -4.36 -11.68
C ALA A 248 -15.53 -3.55 -11.72
N ALA A 249 -15.34 -2.74 -10.69
CA ALA A 249 -14.10 -1.99 -10.52
C ALA A 249 -13.76 -1.15 -11.74
N GLY A 250 -14.75 -0.43 -12.25
CA GLY A 250 -14.52 0.52 -13.32
C GLY A 250 -14.20 -0.09 -14.68
N GLU A 251 -14.48 -1.36 -14.88
CA GLU A 251 -14.49 -1.91 -16.24
C GLU A 251 -15.61 -2.92 -16.45
N ARG A 252 -15.87 -3.25 -17.72
CA ARG A 252 -16.95 -4.16 -18.01
C ARG A 252 -16.51 -5.49 -18.58
N LEU A 253 -17.30 -6.51 -18.23
CA LEU A 253 -17.10 -7.86 -18.70
C LEU A 253 -18.33 -8.23 -19.51
N LEU A 254 -18.07 -8.75 -20.69
CA LEU A 254 -19.09 -9.33 -21.53
C LEU A 254 -19.02 -10.87 -21.39
N LEU A 255 -20.10 -11.47 -20.92
CA LEU A 255 -20.19 -12.90 -20.81
C LEU A 255 -21.02 -13.41 -21.96
N CYS A 256 -20.43 -14.24 -22.80
CA CYS A 256 -21.14 -14.86 -23.89
C CYS A 256 -21.53 -16.30 -23.58
N GLN A 257 -22.83 -16.54 -23.48
CA GLN A 257 -23.34 -17.89 -23.38
C GLN A 257 -23.57 -18.44 -24.80
N ILE A 258 -23.06 -19.63 -25.06
CA ILE A 258 -23.08 -20.15 -26.43
C ILE A 258 -23.81 -21.51 -26.52
N ASP A 259 -24.66 -21.67 -27.52
CA ASP A 259 -25.32 -22.93 -27.81
C ASP A 259 -25.20 -23.26 -29.32
N PRO A 260 -25.15 -24.57 -29.67
CA PRO A 260 -25.19 -24.94 -31.08
C PRO A 260 -26.58 -24.57 -31.56
N ALA A 261 -26.71 -24.13 -32.81
CA ALA A 261 -28.00 -23.72 -33.32
C ALA A 261 -28.74 -24.94 -33.82
N ASP A 262 -28.01 -26.03 -34.07
CA ASP A 262 -28.60 -27.25 -34.62
C ASP A 262 -27.97 -28.54 -34.08
N SER B 11 23.22 25.48 31.59
CA SER B 11 23.35 26.40 30.47
C SER B 11 24.59 26.11 29.65
N LEU B 12 24.59 26.55 28.40
CA LEU B 12 25.73 26.38 27.49
C LEU B 12 26.98 27.07 28.00
N PRO B 13 28.09 26.31 28.14
CA PRO B 13 29.37 26.95 28.47
C PRO B 13 29.94 27.68 27.26
N SER B 14 31.18 28.16 27.40
CA SER B 14 31.84 28.91 26.34
C SER B 14 32.35 27.99 25.23
N LEU B 15 32.13 28.40 23.98
CA LEU B 15 32.46 27.56 22.84
C LEU B 15 33.38 28.26 21.82
N ALA B 16 34.50 27.62 21.49
CA ALA B 16 35.45 28.14 20.52
C ALA B 16 34.76 28.26 19.15
N PRO B 17 35.20 29.23 18.34
CA PRO B 17 34.63 29.44 17.00
C PRO B 17 34.56 28.15 16.14
N ASP B 18 35.64 27.37 16.10
CA ASP B 18 35.65 26.10 15.36
C ASP B 18 34.55 25.15 15.81
N LEU B 19 34.35 25.05 17.13
CA LEU B 19 33.32 24.16 17.66
C LEU B 19 31.94 24.70 17.35
N VAL B 20 31.77 26.01 17.44
CA VAL B 20 30.46 26.58 17.09
C VAL B 20 30.12 26.29 15.63
N ARG B 21 31.07 26.47 14.73
CA ARG B 21 30.84 26.12 13.32
C ARG B 21 30.46 24.65 13.19
N ASP B 22 31.19 23.76 13.86
CA ASP B 22 30.90 22.33 13.80
C ASP B 22 29.51 21.97 14.40
N LEU B 23 29.14 22.58 15.53
CA LEU B 23 27.82 22.32 16.10
C LEU B 23 26.73 22.71 15.13
N ILE B 24 26.83 23.89 14.53
CA ILE B 24 25.81 24.36 13.62
C ILE B 24 25.73 23.44 12.43
N ALA B 25 26.89 23.19 11.84
CA ALA B 25 26.98 22.34 10.66
C ALA B 25 26.40 20.93 10.89
N THR B 26 26.43 20.45 12.12
CA THR B 26 25.91 19.11 12.38
C THR B 26 24.44 19.07 12.82
N ALA B 27 23.94 20.14 13.44
CA ALA B 27 22.51 20.21 13.79
C ALA B 27 21.68 20.42 12.53
N ALA B 28 22.15 21.32 11.67
CA ALA B 28 21.48 21.55 10.40
C ALA B 28 21.94 20.50 9.39
N ASP B 29 21.16 20.30 8.33
CA ASP B 29 21.55 19.40 7.26
C ASP B 29 22.39 20.16 6.26
N ILE B 30 22.04 21.41 6.04
CA ILE B 30 22.82 22.28 5.17
C ILE B 30 22.70 23.72 5.63
N SER B 31 23.83 24.42 5.69
CA SER B 31 23.84 25.78 6.24
C SER B 31 24.61 26.72 5.34
N LEU B 32 24.04 27.90 5.11
CA LEU B 32 24.64 28.87 4.20
C LEU B 32 24.89 30.19 4.91
N LEU B 33 26.06 30.75 4.67
CA LEU B 33 26.26 32.15 5.02
C LEU B 33 26.16 32.95 3.74
N VAL B 34 25.31 33.98 3.75
CA VAL B 34 25.03 34.77 2.56
C VAL B 34 25.24 36.26 2.87
N SER B 35 25.94 36.96 1.99
CA SER B 35 26.30 38.33 2.27
C SER B 35 25.09 39.24 2.08
N GLN B 36 25.20 40.49 2.55
CA GLN B 36 24.18 41.51 2.32
C GLN B 36 23.97 41.65 0.81
N GLU B 37 25.05 41.49 0.03
CA GLU B 37 24.96 41.53 -1.44
C GLU B 37 24.17 40.34 -2.02
N GLY B 38 24.00 39.27 -1.26
CA GLY B 38 23.30 38.10 -1.75
C GLY B 38 24.17 36.99 -2.32
N VAL B 39 25.48 37.04 -2.03
CA VAL B 39 26.43 36.03 -2.50
C VAL B 39 26.64 34.95 -1.42
N VAL B 40 26.64 33.70 -1.85
CA VAL B 40 26.89 32.60 -0.91
C VAL B 40 28.36 32.64 -0.46
N ARG B 41 28.59 33.03 0.78
CA ARG B 41 29.97 33.16 1.29
C ARG B 41 30.52 31.83 1.78
N GLU B 42 29.71 31.04 2.47
CA GLU B 42 30.17 29.72 2.91
C GLU B 42 29.06 28.69 2.91
N VAL B 43 29.42 27.48 2.47
CA VAL B 43 28.54 26.35 2.59
C VAL B 43 29.08 25.43 3.69
N MET B 44 28.19 25.09 4.61
CA MET B 44 28.50 24.17 5.68
C MET B 44 27.51 23.05 5.60
N ALA B 45 27.98 21.89 5.17
CA ALA B 45 27.12 20.73 5.06
C ALA B 45 27.47 19.75 6.16
N ASN B 46 26.45 18.97 6.55
CA ASN B 46 26.54 18.04 7.66
C ASN B 46 27.35 16.80 7.27
N PRO B 47 28.53 16.64 7.88
CA PRO B 47 29.37 15.47 7.58
C PRO B 47 28.66 14.12 7.82
N HIS B 48 27.59 14.12 8.61
CA HIS B 48 26.79 12.90 8.79
C HIS B 48 25.73 12.70 7.69
N HIS B 49 25.03 13.78 7.34
CA HIS B 49 23.95 13.77 6.34
C HIS B 49 24.46 13.43 4.91
N PRO B 50 23.73 12.54 4.20
CA PRO B 50 24.19 12.08 2.89
C PRO B 50 24.09 13.16 1.81
N SER B 51 24.58 12.86 0.61
CA SER B 51 24.41 13.71 -0.58
C SER B 51 25.29 14.96 -0.62
N PHE B 52 24.98 15.91 0.27
CA PHE B 52 25.62 17.22 0.36
C PHE B 52 27.15 17.17 0.58
N GLY B 53 27.85 18.22 0.17
CA GLY B 53 29.31 18.25 0.23
C GLY B 53 29.93 18.55 -1.13
N GLN B 54 29.17 18.32 -2.20
CA GLN B 54 29.56 18.71 -3.54
C GLN B 54 29.09 20.15 -3.78
N LEU B 55 28.60 20.79 -2.73
CA LEU B 55 28.11 22.15 -2.83
C LEU B 55 29.26 23.13 -2.56
N SER B 56 30.48 22.62 -2.66
CA SER B 56 31.68 23.45 -2.70
C SER B 56 31.48 24.55 -3.73
N GLU B 57 30.99 24.17 -4.89
CA GLU B 57 30.80 25.05 -6.04
C GLU B 57 29.81 26.21 -5.84
N TRP B 58 29.00 26.14 -4.78
CA TRP B 58 28.00 27.17 -4.52
C TRP B 58 28.64 28.45 -4.01
N GLU B 59 29.83 28.34 -3.43
CA GLU B 59 30.49 29.48 -2.82
C GLU B 59 30.94 30.51 -3.87
N GLY B 60 30.77 31.78 -3.53
CA GLY B 60 31.11 32.86 -4.45
C GLY B 60 30.00 33.17 -5.43
N ARG B 61 28.97 32.34 -5.46
CA ARG B 61 27.89 32.54 -6.42
C ARG B 61 26.64 33.09 -5.75
N PRO B 62 25.83 33.85 -6.51
CA PRO B 62 24.54 34.35 -6.02
C PRO B 62 23.60 33.23 -5.49
N LEU B 63 23.03 33.44 -4.30
CA LEU B 63 22.04 32.54 -3.74
C LEU B 63 20.89 32.32 -4.72
N GLU B 64 20.57 33.37 -5.47
CA GLU B 64 19.50 33.28 -6.46
C GLU B 64 19.79 32.26 -7.57
N GLU B 65 21.07 32.00 -7.81
CA GLU B 65 21.47 31.03 -8.83
C GLU B 65 21.15 29.60 -8.42
N VAL B 66 20.91 29.36 -7.14
CA VAL B 66 20.60 28.01 -6.69
C VAL B 66 19.18 27.83 -6.13
N LEU B 67 18.30 28.78 -6.43
CA LEU B 67 16.89 28.69 -6.03
C LEU B 67 15.95 28.75 -7.22
N THR B 68 14.83 28.05 -7.14
CA THR B 68 13.82 28.14 -8.20
C THR B 68 13.28 29.57 -8.28
N ALA B 69 12.50 29.83 -9.32
CA ALA B 69 11.88 31.13 -9.49
C ALA B 69 11.00 31.45 -8.28
N GLU B 70 10.12 30.52 -7.95
CA GLU B 70 9.20 30.66 -6.84
C GLU B 70 9.93 30.84 -5.50
N SER B 71 11.06 30.17 -5.32
CA SER B 71 11.82 30.30 -4.07
C SER B 71 12.55 31.63 -3.95
N VAL B 72 13.04 32.16 -5.06
CA VAL B 72 13.69 33.45 -5.07
C VAL B 72 12.77 34.54 -4.52
N ALA B 73 11.62 34.70 -5.17
CA ALA B 73 10.63 35.70 -4.78
C ALA B 73 10.27 35.51 -3.31
N LYS B 74 10.15 34.26 -2.91
CA LYS B 74 9.73 33.91 -1.55
C LYS B 74 10.82 34.29 -0.56
N PHE B 75 12.06 33.97 -0.91
CA PHE B 75 13.19 34.36 -0.08
C PHE B 75 13.24 35.85 0.06
N ARG B 76 13.18 36.54 -1.08
CA ARG B 76 13.21 37.99 -1.11
C ARG B 76 12.21 38.60 -0.12
N LEU B 77 10.94 38.22 -0.27
CA LEU B 77 9.86 38.74 0.55
C LEU B 77 10.06 38.52 2.06
N ARG B 78 10.29 37.27 2.46
CA ARG B 78 10.47 36.94 3.88
C ARG B 78 11.79 37.43 4.46
N SER B 79 12.73 37.77 3.60
CA SER B 79 14.06 38.19 4.04
C SER B 79 14.24 39.71 4.16
N GLU B 80 13.60 40.47 3.27
CA GLU B 80 13.67 41.93 3.27
C GLU B 80 13.35 42.53 4.65
N GLY B 81 12.35 41.96 5.32
CA GLY B 81 11.96 42.47 6.61
C GLY B 81 12.93 42.12 7.72
N LEU B 82 13.62 40.99 7.56
CA LEU B 82 14.43 40.43 8.64
C LEU B 82 15.54 41.36 9.09
N GLU B 83 15.40 41.86 10.30
CA GLU B 83 16.35 42.77 10.92
C GLU B 83 17.29 41.96 11.82
N PRO B 84 18.56 42.39 11.94
CA PRO B 84 19.54 41.60 12.70
C PRO B 84 19.40 41.78 14.20
N GLY B 85 19.12 40.72 14.93
CA GLY B 85 18.90 40.84 16.37
C GLY B 85 18.66 39.54 17.11
N ARG B 86 17.57 39.49 17.88
CA ARG B 86 17.21 38.32 18.68
C ARG B 86 16.29 37.34 17.93
N GLY B 87 15.73 37.79 16.81
CA GLY B 87 14.75 37.00 16.09
C GLY B 87 15.26 36.14 14.95
N SER B 88 14.40 35.23 14.52
CA SER B 88 14.67 34.40 13.36
C SER B 88 13.36 34.21 12.62
N VAL B 89 13.42 33.85 11.35
CA VAL B 89 12.21 33.49 10.62
C VAL B 89 12.41 32.18 9.84
N ALA B 90 11.33 31.42 9.69
CA ALA B 90 11.40 30.15 8.97
C ALA B 90 10.75 30.21 7.59
N VAL B 91 11.40 29.62 6.59
CA VAL B 91 10.84 29.56 5.24
C VAL B 91 11.24 28.27 4.51
N GLU B 92 10.30 27.62 3.84
CA GLU B 92 10.62 26.46 3.02
C GLU B 92 10.99 26.89 1.62
N LEU B 93 12.15 26.45 1.16
CA LEU B 93 12.66 26.87 -0.14
C LEU B 93 13.01 25.66 -1.00
N ASN B 94 13.05 25.84 -2.32
CA ASN B 94 13.48 24.78 -3.20
C ASN B 94 14.74 25.10 -4.00
N HIS B 95 15.72 24.20 -3.93
CA HIS B 95 17.00 24.36 -4.62
C HIS B 95 16.98 23.67 -5.98
N ILE B 96 18.01 23.86 -6.79
CA ILE B 96 18.17 23.12 -8.04
C ILE B 96 19.12 21.92 -7.93
N PHE B 103 15.37 20.32 -4.84
CA PHE B 103 15.03 19.67 -3.58
C PHE B 103 14.55 20.67 -2.52
N PRO B 104 13.57 20.26 -1.70
CA PRO B 104 12.92 21.11 -0.70
C PRO B 104 13.69 21.17 0.63
N ILE B 105 13.71 22.34 1.27
CA ILE B 105 14.51 22.58 2.49
C ILE B 105 13.80 23.61 3.37
N ARG B 106 13.71 23.34 4.67
CA ARG B 106 13.22 24.34 5.63
C ARG B 106 14.39 25.12 6.14
N TYR B 107 14.37 26.42 5.90
CA TYR B 107 15.41 27.31 6.38
C TYR B 107 14.92 28.18 7.53
N ILE B 108 15.73 28.26 8.57
CA ILE B 108 15.53 29.26 9.58
C ILE B 108 16.60 30.31 9.34
N LEU B 109 16.18 31.57 9.24
CA LEU B 109 17.08 32.66 8.83
C LEU B 109 17.46 33.55 10.02
N HIS B 110 18.75 33.84 10.16
CA HIS B 110 19.20 34.83 11.13
C HIS B 110 20.03 35.91 10.44
N ARG B 111 19.75 37.17 10.75
CA ARG B 111 20.62 38.22 10.26
C ARG B 111 21.66 38.58 11.33
N LEU B 112 22.94 38.43 10.98
CA LEU B 112 24.04 38.71 11.89
C LEU B 112 24.34 40.20 11.99
N PRO B 113 24.74 40.66 13.17
CA PRO B 113 24.76 42.11 13.42
C PRO B 113 25.87 42.92 12.73
N ALA B 114 27.00 42.33 12.39
CA ALA B 114 28.11 43.18 11.91
C ALA B 114 28.00 43.64 10.46
N ASP B 115 27.58 42.76 9.56
CA ASP B 115 27.63 43.08 8.14
C ASP B 115 26.33 42.80 7.42
N ARG B 116 25.27 42.57 8.19
CA ARG B 116 23.94 42.35 7.66
C ARG B 116 23.89 41.08 6.82
N SER B 117 24.78 40.13 7.10
CA SER B 117 24.77 38.89 6.37
C SER B 117 23.67 37.98 6.91
N ILE B 118 23.29 36.97 6.13
CA ILE B 118 22.22 36.09 6.53
C ILE B 118 22.75 34.67 6.69
N LEU B 119 22.51 34.09 7.86
CA LEU B 119 22.86 32.69 8.12
C LEU B 119 21.59 31.87 8.00
N MET B 120 21.60 30.90 7.09
CA MET B 120 20.42 30.09 6.79
C MET B 120 20.66 28.67 7.30
N LEU B 121 19.81 28.24 8.22
CA LEU B 121 19.95 26.91 8.81
C LEU B 121 18.92 25.97 8.21
N GLY B 122 19.39 25.04 7.41
CA GLY B 122 18.52 24.23 6.59
C GLY B 122 18.24 22.86 7.16
N ARG B 123 16.96 22.48 7.14
CA ARG B 123 16.53 21.13 7.51
C ARG B 123 16.04 20.47 6.24
N ASP B 124 16.70 19.39 5.84
CA ASP B 124 16.38 18.70 4.60
C ASP B 124 15.00 18.00 4.64
N LEU B 125 14.13 18.34 3.68
CA LEU B 125 12.80 17.74 3.60
C LEU B 125 12.68 16.56 2.61
N ARG B 126 13.77 16.22 1.94
CA ARG B 126 13.75 15.04 1.08
C ARG B 126 13.38 13.73 1.80
N PRO B 127 13.84 13.53 3.06
CA PRO B 127 13.46 12.28 3.73
C PRO B 127 11.95 12.13 3.94
N ILE B 128 11.28 13.19 4.38
CA ILE B 128 9.85 13.14 4.55
C ILE B 128 9.12 13.04 3.20
N ALA B 129 9.61 13.78 2.19
CA ALA B 129 8.99 13.72 0.88
C ALA B 129 9.12 12.32 0.28
N GLU B 130 10.26 11.68 0.57
CA GLU B 130 10.52 10.33 0.09
C GLU B 130 9.54 9.31 0.69
N VAL B 131 9.27 9.42 1.98
CA VAL B 131 8.36 8.49 2.62
C VAL B 131 6.92 8.79 2.19
N GLN B 132 6.62 10.05 1.89
CA GLN B 132 5.30 10.37 1.39
C GLN B 132 5.09 9.67 0.05
N GLN B 133 6.08 9.78 -0.83
CA GLN B 133 6.07 9.07 -2.11
C GLN B 133 5.80 7.58 -1.92
N GLN B 134 6.43 7.00 -0.90
CA GLN B 134 6.19 5.59 -0.61
C GLN B 134 4.75 5.36 -0.20
N LEU B 135 4.21 6.28 0.58
CA LEU B 135 2.85 6.16 1.03
C LEU B 135 1.88 6.23 -0.15
N VAL B 136 2.18 7.14 -1.08
CA VAL B 136 1.44 7.25 -2.34
C VAL B 136 1.45 5.93 -3.10
N ALA B 137 2.62 5.32 -3.25
CA ALA B 137 2.72 4.01 -3.89
C ALA B 137 1.93 2.96 -3.12
N ALA B 138 2.00 3.04 -1.79
CA ALA B 138 1.33 2.07 -0.92
C ALA B 138 -0.14 2.14 -1.22
N GLN B 139 -0.65 3.36 -1.25
CA GLN B 139 -2.08 3.60 -1.41
C GLN B 139 -2.60 3.15 -2.78
N LEU B 140 -1.80 3.33 -3.82
CA LEU B 140 -2.16 2.86 -5.17
C LEU B 140 -2.12 1.34 -5.23
N ALA B 141 -1.19 0.73 -4.51
CA ALA B 141 -1.17 -0.72 -4.41
C ALA B 141 -2.45 -1.28 -3.77
N MET B 142 -2.91 -0.63 -2.69
CA MET B 142 -4.15 -1.06 -2.02
C MET B 142 -5.37 -0.91 -2.92
N GLU B 143 -5.38 0.14 -3.74
CA GLU B 143 -6.47 0.32 -4.69
C GLU B 143 -6.47 -0.83 -5.69
N ARG B 144 -5.29 -1.13 -6.20
CA ARG B 144 -5.13 -2.25 -7.13
C ARG B 144 -5.56 -3.60 -6.55
N ASP B 145 -5.16 -3.90 -5.32
CA ASP B 145 -5.47 -5.20 -4.74
C ASP B 145 -6.95 -5.30 -4.43
N TYR B 146 -7.54 -4.18 -4.02
CA TYR B 146 -8.97 -4.13 -3.78
C TYR B 146 -9.79 -4.28 -5.06
N GLU B 147 -9.44 -3.55 -6.11
CA GLU B 147 -10.14 -3.66 -7.39
C GLU B 147 -10.04 -5.09 -7.95
N THR B 148 -8.87 -5.70 -7.84
CA THR B 148 -8.66 -7.00 -8.45
C THR B 148 -9.42 -8.09 -7.68
N GLN B 149 -9.50 -7.92 -6.37
CA GLN B 149 -10.28 -8.81 -5.54
C GLN B 149 -11.80 -8.74 -5.88
N ARG B 150 -12.30 -7.52 -6.08
CA ARG B 150 -13.68 -7.31 -6.52
C ARG B 150 -13.96 -7.83 -7.93
N GLU B 151 -12.99 -7.67 -8.82
CA GLU B 151 -13.09 -8.20 -10.17
C GLU B 151 -13.17 -9.75 -10.15
N MET B 152 -12.40 -10.39 -9.28
CA MET B 152 -12.44 -11.84 -9.23
C MET B 152 -13.74 -12.35 -8.60
N GLU B 153 -14.17 -11.70 -7.52
CA GLU B 153 -15.44 -12.01 -6.86
C GLU B 153 -16.60 -11.94 -7.86
N THR B 154 -16.57 -10.91 -8.68
CA THR B 154 -17.61 -10.71 -9.68
C THR B 154 -17.54 -11.79 -10.76
N ARG B 155 -16.35 -12.15 -11.23
CA ARG B 155 -16.24 -13.23 -12.21
C ARG B 155 -16.79 -14.53 -11.61
N TYR B 156 -16.41 -14.81 -10.37
CA TYR B 156 -16.95 -15.98 -9.68
C TYR B 156 -18.49 -15.97 -9.61
N ARG B 157 -19.06 -14.88 -9.11
CA ARG B 157 -20.53 -14.78 -9.01
C ARG B 157 -21.20 -14.93 -10.38
N VAL B 158 -20.63 -14.29 -11.39
CA VAL B 158 -21.19 -14.30 -12.73
C VAL B 158 -21.21 -15.69 -13.31
N VAL B 159 -20.06 -16.34 -13.32
CA VAL B 159 -19.96 -17.70 -13.85
C VAL B 159 -20.88 -18.68 -13.10
N LEU B 160 -20.89 -18.64 -11.77
CA LEU B 160 -21.74 -19.56 -11.01
C LEU B 160 -23.24 -19.29 -11.20
N ASP B 161 -23.64 -18.04 -11.04
CA ASP B 161 -25.06 -17.67 -11.14
C ASP B 161 -25.70 -17.80 -12.54
N VAL B 162 -24.97 -17.45 -13.60
CA VAL B 162 -25.51 -17.49 -14.94
C VAL B 162 -25.52 -18.92 -15.50
N SER B 163 -24.60 -19.75 -15.03
CA SER B 163 -24.46 -21.12 -15.54
C SER B 163 -25.73 -21.93 -15.43
N ARG B 164 -26.16 -22.52 -16.54
CA ARG B 164 -27.33 -23.40 -16.51
C ARG B 164 -27.00 -24.77 -15.93
N ASP B 165 -25.72 -25.04 -15.72
CA ASP B 165 -25.27 -26.31 -15.13
C ASP B 165 -25.47 -26.19 -13.64
N PRO B 166 -26.41 -26.97 -13.09
CA PRO B 166 -26.73 -26.88 -11.67
C PRO B 166 -25.52 -27.28 -10.83
N MET B 167 -25.08 -26.37 -9.98
CA MET B 167 -23.90 -26.65 -9.15
C MET B 167 -24.10 -26.28 -7.68
N VAL B 168 -23.54 -27.07 -6.79
CA VAL B 168 -23.58 -26.75 -5.37
C VAL B 168 -22.17 -26.85 -4.85
N LEU B 169 -21.80 -25.89 -4.04
CA LEU B 169 -20.49 -25.87 -3.42
C LEU B 169 -20.63 -26.23 -1.95
N VAL B 170 -19.85 -27.22 -1.51
CA VAL B 170 -20.01 -27.82 -0.18
C VAL B 170 -18.67 -27.83 0.58
N SER B 171 -18.69 -27.50 1.87
CA SER B 171 -17.49 -27.54 2.67
C SER B 171 -17.25 -28.97 3.15
N MET B 172 -16.04 -29.49 2.94
CA MET B 172 -15.79 -30.87 3.29
C MET B 172 -15.79 -31.10 4.80
N SER B 173 -15.28 -30.13 5.55
CA SER B 173 -15.27 -30.25 7.01
C SER B 173 -16.67 -30.13 7.67
N THR B 174 -17.48 -29.16 7.24
CA THR B 174 -18.79 -28.97 7.86
C THR B 174 -19.94 -29.73 7.20
N GLY B 175 -19.74 -30.12 5.95
CA GLY B 175 -20.78 -30.81 5.19
C GLY B 175 -21.92 -29.89 4.81
N ARG B 176 -21.67 -28.58 4.91
CA ARG B 176 -22.68 -27.56 4.58
C ARG B 176 -22.52 -26.91 3.21
N ILE B 177 -23.65 -26.56 2.61
CA ILE B 177 -23.65 -25.80 1.38
C ILE B 177 -23.03 -24.40 1.59
N VAL B 178 -21.94 -24.10 0.91
CA VAL B 178 -21.39 -22.75 0.99
C VAL B 178 -21.77 -21.88 -0.20
N ASP B 179 -22.28 -22.47 -1.27
CA ASP B 179 -22.78 -21.66 -2.38
C ASP B 179 -23.49 -22.60 -3.33
N LEU B 180 -24.27 -22.03 -4.24
CA LEU B 180 -25.00 -22.80 -5.27
C LEU B 180 -25.59 -21.80 -6.27
N ASN B 181 -26.08 -22.29 -7.39
CA ASN B 181 -26.84 -21.42 -8.27
C ASN B 181 -28.30 -21.76 -8.24
N SER B 182 -29.09 -20.94 -8.91
CA SER B 182 -30.52 -21.11 -8.86
C SER B 182 -30.91 -22.38 -9.62
N ALA B 183 -30.09 -22.79 -10.59
CA ALA B 183 -30.40 -24.02 -11.29
C ALA B 183 -30.33 -25.22 -10.32
N ALA B 184 -29.34 -25.23 -9.43
CA ALA B 184 -29.30 -26.22 -8.36
C ALA B 184 -30.52 -26.10 -7.44
N GLY B 185 -30.86 -24.85 -7.11
CA GLY B 185 -32.02 -24.56 -6.28
C GLY B 185 -33.29 -25.19 -6.82
N LEU B 186 -33.56 -25.00 -8.11
CA LEU B 186 -34.71 -25.63 -8.74
C LEU B 186 -34.72 -27.17 -8.58
N LEU B 187 -33.61 -27.84 -8.94
CA LEU B 187 -33.53 -29.30 -8.85
C LEU B 187 -33.66 -29.78 -7.41
N LEU B 188 -33.13 -29.01 -6.47
CA LEU B 188 -33.20 -29.39 -5.06
C LEU B 188 -34.57 -29.10 -4.44
N GLY B 189 -35.32 -28.17 -5.03
CA GLY B 189 -36.62 -27.78 -4.50
C GLY B 189 -36.60 -26.66 -3.46
N GLY B 190 -35.52 -25.89 -3.41
CA GLY B 190 -35.44 -24.81 -2.42
C GLY B 190 -34.98 -23.48 -2.99
N VAL B 191 -35.13 -22.40 -2.23
CA VAL B 191 -34.59 -21.11 -2.64
C VAL B 191 -33.29 -20.89 -1.93
N ARG B 192 -32.54 -19.89 -2.40
CA ARG B 192 -31.17 -19.67 -1.96
C ARG B 192 -31.03 -19.61 -0.45
N GLN B 193 -31.85 -18.78 0.18
CA GLN B 193 -31.81 -18.55 1.63
C GLN B 193 -32.11 -19.81 2.43
N ASP B 194 -32.96 -20.68 1.90
CA ASP B 194 -33.19 -21.96 2.55
C ASP B 194 -31.95 -22.85 2.46
N LEU B 195 -31.28 -22.87 1.30
CA LEU B 195 -30.21 -23.85 1.03
C LEU B 195 -28.78 -23.47 1.51
N LEU B 196 -28.41 -22.19 1.42
CA LEU B 196 -27.15 -21.71 1.96
C LEU B 196 -26.98 -22.06 3.43
N GLY B 197 -25.87 -22.70 3.79
CA GLY B 197 -25.61 -23.11 5.16
C GLY B 197 -26.28 -24.41 5.56
N ALA B 198 -27.13 -24.97 4.69
CA ALA B 198 -27.83 -26.21 5.02
C ALA B 198 -26.89 -27.41 4.83
N ALA B 199 -27.02 -28.40 5.70
CA ALA B 199 -26.22 -29.63 5.53
C ALA B 199 -26.65 -30.32 4.25
N ILE B 200 -25.71 -30.62 3.36
CA ILE B 200 -26.09 -31.17 2.05
C ILE B 200 -26.75 -32.57 2.17
N ALA B 201 -26.22 -33.43 3.04
CA ALA B 201 -26.74 -34.80 3.16
C ALA B 201 -28.23 -34.80 3.47
N GLN B 202 -28.65 -33.79 4.22
CA GLN B 202 -29.97 -33.76 4.80
C GLN B 202 -31.02 -33.32 3.78
N GLU B 203 -30.56 -32.92 2.60
CA GLU B 203 -31.42 -32.64 1.45
C GLU B 203 -31.83 -33.91 0.66
N PHE B 204 -31.20 -35.02 0.98
CA PHE B 204 -31.42 -36.27 0.26
C PHE B 204 -31.95 -37.36 1.18
N GLU B 205 -33.05 -38.00 0.79
CA GLU B 205 -33.73 -38.93 1.70
C GLU B 205 -32.80 -40.10 2.02
N GLY B 206 -32.76 -40.47 3.28
CA GLY B 206 -31.95 -41.59 3.74
C GLY B 206 -30.47 -41.31 3.94
N ARG B 207 -29.99 -40.11 3.62
CA ARG B 207 -28.55 -39.85 3.74
C ARG B 207 -28.21 -39.17 5.07
N ARG B 208 -26.98 -39.38 5.54
CA ARG B 208 -26.50 -38.74 6.75
C ARG B 208 -25.12 -38.19 6.45
N ARG B 209 -24.70 -37.21 7.24
CA ARG B 209 -23.47 -36.47 7.01
C ARG B 209 -22.24 -37.36 6.81
N GLY B 210 -21.97 -38.23 7.77
CA GLY B 210 -20.78 -39.08 7.72
C GLY B 210 -20.64 -39.87 6.43
N GLU B 211 -21.60 -40.75 6.15
CA GLU B 211 -21.49 -41.68 5.04
C GLU B 211 -21.60 -40.97 3.68
N PHE B 212 -22.42 -39.95 3.60
CA PHE B 212 -22.56 -39.19 2.38
C PHE B 212 -21.27 -38.47 1.98
N MET B 213 -20.55 -37.90 2.95
CA MET B 213 -19.36 -37.15 2.61
C MET B 213 -18.23 -38.12 2.21
N GLU B 214 -18.22 -39.28 2.85
CA GLU B 214 -17.24 -40.31 2.51
C GLU B 214 -17.49 -40.83 1.10
N THR B 215 -18.76 -41.05 0.76
CA THR B 215 -19.15 -41.45 -0.60
C THR B 215 -18.65 -40.45 -1.65
N MET B 216 -18.94 -39.17 -1.45
CA MET B 216 -18.52 -38.14 -2.42
C MET B 216 -17.02 -38.08 -2.57
N THR B 217 -16.33 -38.14 -1.43
CA THR B 217 -14.89 -38.04 -1.40
C THR B 217 -14.25 -39.20 -2.15
N ASN B 218 -14.77 -40.40 -1.91
CA ASN B 218 -14.24 -41.57 -2.60
C ASN B 218 -14.56 -41.47 -4.07
N LEU B 219 -15.78 -41.04 -4.36
CA LEU B 219 -16.20 -40.88 -5.73
C LEU B 219 -15.31 -39.88 -6.49
N ALA B 220 -15.16 -38.69 -5.92
CA ALA B 220 -14.31 -37.65 -6.50
C ALA B 220 -12.90 -38.13 -6.79
N ALA B 221 -12.45 -39.16 -6.07
CA ALA B 221 -11.08 -39.65 -6.23
C ALA B 221 -10.90 -40.64 -7.40
N THR B 222 -11.99 -41.04 -8.05
CA THR B 222 -11.88 -41.93 -9.21
C THR B 222 -12.68 -41.40 -10.40
N GLU B 223 -12.01 -41.21 -11.53
CA GLU B 223 -12.65 -40.64 -12.72
C GLU B 223 -13.65 -41.58 -13.40
N SER B 224 -13.41 -42.88 -13.30
CA SER B 224 -14.18 -43.88 -14.04
C SER B 224 -15.56 -44.21 -13.45
N ALA B 225 -15.77 -43.87 -12.18
CA ALA B 225 -17.00 -44.26 -11.49
C ALA B 225 -18.21 -43.35 -11.72
N ALA B 226 -19.38 -43.98 -11.68
CA ALA B 226 -20.68 -43.34 -11.91
C ALA B 226 -20.98 -42.28 -10.84
N PRO B 227 -22.01 -41.46 -11.07
CA PRO B 227 -22.47 -40.50 -10.05
C PRO B 227 -23.25 -41.12 -8.89
N VAL B 228 -23.55 -40.34 -7.86
CA VAL B 228 -24.40 -40.82 -6.79
C VAL B 228 -25.90 -40.57 -7.05
N GLU B 229 -26.71 -41.61 -6.84
CA GLU B 229 -28.15 -41.51 -7.02
C GLU B 229 -28.85 -41.11 -5.72
N VAL B 230 -29.55 -39.99 -5.76
CA VAL B 230 -30.17 -39.45 -4.57
C VAL B 230 -31.61 -39.02 -4.85
N LEU B 231 -32.38 -38.84 -3.79
CA LEU B 231 -33.72 -38.28 -3.92
C LEU B 231 -33.82 -36.99 -3.10
N ALA B 232 -34.05 -35.86 -3.77
CA ALA B 232 -34.18 -34.57 -3.07
C ALA B 232 -35.47 -34.48 -2.29
N ARG B 233 -35.37 -34.24 -0.98
CA ARG B 233 -36.56 -34.10 -0.14
C ARG B 233 -37.59 -33.09 -0.62
N ARG B 234 -37.15 -31.88 -0.98
CA ARG B 234 -38.12 -30.81 -1.24
C ARG B 234 -38.80 -30.94 -2.60
N SER B 235 -38.04 -31.34 -3.62
CA SER B 235 -38.56 -31.44 -4.98
C SER B 235 -39.06 -32.85 -5.28
N GLN B 236 -38.71 -33.81 -4.43
CA GLN B 236 -39.00 -35.21 -4.67
C GLN B 236 -38.50 -35.68 -6.03
N LYS B 237 -37.41 -35.10 -6.53
CA LYS B 237 -36.77 -35.56 -7.77
C LYS B 237 -35.59 -36.51 -7.50
N ARG B 238 -35.48 -37.58 -8.28
CA ARG B 238 -34.24 -38.37 -8.25
C ARG B 238 -33.17 -37.64 -9.05
N LEU B 239 -31.98 -37.51 -8.47
CA LEU B 239 -30.91 -36.71 -9.05
C LEU B 239 -29.62 -37.54 -9.08
N LEU B 240 -28.73 -37.18 -10.01
CA LEU B 240 -27.40 -37.74 -10.10
C LEU B 240 -26.43 -36.65 -9.66
N VAL B 241 -25.58 -36.95 -8.70
CA VAL B 241 -24.64 -36.00 -8.15
C VAL B 241 -23.22 -36.40 -8.52
N VAL B 242 -22.46 -35.47 -9.10
CA VAL B 242 -21.08 -35.72 -9.48
C VAL B 242 -20.18 -34.73 -8.76
N PRO B 243 -19.36 -35.24 -7.82
CA PRO B 243 -18.53 -34.39 -6.94
C PRO B 243 -17.11 -34.23 -7.44
N ARG B 244 -16.52 -33.06 -7.23
CA ARG B 244 -15.10 -32.83 -7.48
C ARG B 244 -14.53 -32.09 -6.29
N VAL B 245 -13.37 -32.53 -5.83
CA VAL B 245 -12.74 -31.95 -4.66
C VAL B 245 -11.62 -31.03 -5.12
N PHE B 246 -11.45 -29.90 -4.44
CA PHE B 246 -10.30 -29.02 -4.71
C PHE B 246 -10.04 -28.20 -3.47
N ARG B 247 -8.89 -27.56 -3.46
CA ARG B 247 -8.48 -26.74 -2.32
C ARG B 247 -8.61 -25.27 -2.64
N ALA B 248 -9.31 -24.56 -1.77
CA ALA B 248 -9.38 -23.12 -1.85
C ALA B 248 -8.86 -22.53 -0.55
N ALA B 249 -7.75 -21.79 -0.64
CA ALA B 249 -7.16 -21.15 0.53
C ALA B 249 -6.95 -22.16 1.66
N GLY B 250 -6.34 -23.29 1.34
CA GLY B 250 -6.10 -24.35 2.31
C GLY B 250 -7.29 -25.28 2.52
N GLU B 251 -8.50 -24.73 2.47
CA GLU B 251 -9.72 -25.44 2.83
C GLU B 251 -10.26 -26.36 1.71
N ARG B 252 -10.69 -27.56 2.06
CA ARG B 252 -11.21 -28.48 1.05
C ARG B 252 -12.69 -28.25 0.74
N LEU B 253 -13.00 -28.14 -0.54
CA LEU B 253 -14.37 -27.94 -0.98
C LEU B 253 -14.77 -28.99 -1.99
N LEU B 254 -16.05 -29.28 -1.99
CA LEU B 254 -16.63 -30.22 -2.90
C LEU B 254 -17.50 -29.41 -3.84
N LEU B 255 -17.25 -29.54 -5.14
CA LEU B 255 -18.13 -28.93 -6.15
C LEU B 255 -18.96 -30.03 -6.79
N CYS B 256 -20.27 -29.97 -6.61
CA CYS B 256 -21.12 -31.02 -7.12
C CYS B 256 -21.97 -30.50 -8.24
N GLN B 257 -21.95 -31.24 -9.35
CA GLN B 257 -22.85 -31.02 -10.47
C GLN B 257 -24.02 -31.96 -10.27
N ILE B 258 -25.23 -31.46 -10.55
CA ILE B 258 -26.44 -32.25 -10.34
C ILE B 258 -27.25 -32.29 -11.63
N ASP B 259 -27.74 -33.48 -11.98
CA ASP B 259 -28.64 -33.68 -13.12
C ASP B 259 -29.91 -34.38 -12.67
N PRO B 260 -31.04 -34.15 -13.37
CA PRO B 260 -32.19 -35.03 -13.13
C PRO B 260 -31.85 -36.44 -13.57
N ALA B 261 -32.26 -37.42 -12.78
CA ALA B 261 -31.97 -38.80 -13.11
C ALA B 261 -33.12 -39.45 -13.86
N ASP B 262 -34.34 -38.95 -13.63
CA ASP B 262 -35.52 -39.53 -14.27
C ASP B 262 -35.99 -38.65 -15.43
#